data_1ZX2
#
_entry.id   1ZX2
#
_cell.length_a   90.909
_cell.length_b   90.909
_cell.length_c   194.896
_cell.angle_alpha   90.00
_cell.angle_beta   90.00
_cell.angle_gamma   120.00
#
_symmetry.space_group_name_H-M   'P 61 2 2'
#
loop_
_entity.id
_entity.type
_entity.pdbx_description
1 polymer 'UBP3-associated protein BRE5'
2 water water
#
_entity_poly.entity_id   1
_entity_poly.type   'polypeptide(L)'
_entity_poly.pdbx_seq_one_letter_code
;SMGVTVQDICFAFLQNYYERMRTDPSKLAYFYASTAELTHTNYQSKSTNEKDDVLPTVKVTGRENINKFFSRNDAKVRSL
KLKLDTIDFQYTGHLHKSILIMATGEMFWTGTPVYKFCQTFILLPSSNGSTFDITNDIIRFISNSFK
;
_entity_poly.pdbx_strand_id   A,B
#
# COMPACT_ATOMS: atom_id res chain seq x y z
N SER A 1 -17.56 17.67 -16.33
CA SER A 1 -16.31 17.08 -16.85
C SER A 1 -15.53 16.46 -15.72
N MET A 2 -15.60 17.16 -14.59
CA MET A 2 -15.16 16.62 -13.34
C MET A 2 -16.17 16.91 -12.18
N GLY A 3 -15.68 17.50 -11.10
CA GLY A 3 -16.23 17.22 -9.77
C GLY A 3 -16.01 15.76 -9.28
N VAL A 4 -15.18 14.96 -9.97
CA VAL A 4 -14.97 13.55 -9.53
C VAL A 4 -13.80 13.49 -8.54
N THR A 5 -14.11 13.08 -7.32
CA THR A 5 -13.09 12.97 -6.25
C THR A 5 -12.32 11.66 -6.30
N VAL A 6 -11.16 11.68 -5.67
CA VAL A 6 -10.37 10.48 -5.50
C VAL A 6 -11.17 9.40 -4.77
N GLN A 7 -12.00 9.80 -3.80
CA GLN A 7 -12.83 8.85 -3.12
C GLN A 7 -13.81 8.17 -4.07
N ASP A 8 -14.51 8.96 -4.89
CA ASP A 8 -15.48 8.35 -5.83
C ASP A 8 -14.74 7.33 -6.69
N ILE A 9 -13.56 7.70 -7.18
CA ILE A 9 -12.84 6.85 -8.06
C ILE A 9 -12.51 5.51 -7.31
N CYS A 10 -12.06 5.62 -6.07
CA CYS A 10 -11.53 4.46 -5.37
C CYS A 10 -12.64 3.54 -4.97
N PHE A 11 -13.72 4.12 -4.47
CA PHE A 11 -14.91 3.34 -4.08
C PHE A 11 -15.53 2.63 -5.31
N ALA A 12 -15.55 3.28 -6.46
CA ALA A 12 -16.07 2.61 -7.65
C ALA A 12 -15.17 1.44 -8.04
N PHE A 13 -13.86 1.68 -8.07
CA PHE A 13 -12.91 0.67 -8.45
C PHE A 13 -13.01 -0.56 -7.57
N LEU A 14 -13.06 -0.34 -6.27
CA LEU A 14 -13.09 -1.49 -5.33
C LEU A 14 -14.41 -2.29 -5.42
N GLN A 15 -15.50 -1.58 -5.52
CA GLN A 15 -16.79 -2.23 -5.74
C GLN A 15 -16.72 -3.09 -6.99
N ASN A 16 -16.28 -2.55 -8.13
CA ASN A 16 -16.15 -3.33 -9.38
C ASN A 16 -15.19 -4.51 -9.29
N TYR A 17 -14.05 -4.28 -8.67
CA TYR A 17 -13.02 -5.27 -8.49
C TYR A 17 -13.55 -6.48 -7.70
N TYR A 18 -13.96 -6.24 -6.46
CA TYR A 18 -14.40 -7.31 -5.62
C TYR A 18 -15.67 -7.99 -6.13
N GLU A 19 -16.55 -7.24 -6.81
CA GLU A 19 -17.70 -7.86 -7.49
C GLU A 19 -17.23 -8.85 -8.60
N ARG A 20 -16.30 -8.45 -9.47
CA ARG A 20 -15.78 -9.35 -10.47
C ARG A 20 -15.11 -10.56 -9.81
N MET A 21 -14.48 -10.36 -8.66
CA MET A 21 -13.75 -11.46 -8.02
C MET A 21 -14.79 -12.54 -7.56
N ARG A 22 -15.91 -12.08 -7.04
CA ARG A 22 -16.98 -12.91 -6.53
C ARG A 22 -17.66 -13.64 -7.70
N THR A 23 -17.79 -13.01 -8.85
CA THR A 23 -18.59 -13.61 -9.92
C THR A 23 -17.79 -14.30 -11.02
N ASP A 24 -16.68 -13.73 -11.47
CA ASP A 24 -15.89 -14.41 -12.48
C ASP A 24 -14.39 -14.07 -12.41
N PRO A 25 -13.63 -14.85 -11.65
CA PRO A 25 -12.21 -14.59 -11.48
C PRO A 25 -11.46 -14.70 -12.77
N SER A 26 -11.96 -15.48 -13.73
CA SER A 26 -11.32 -15.64 -15.05
C SER A 26 -11.27 -14.34 -15.87
N LYS A 27 -12.02 -13.35 -15.42
CA LYS A 27 -12.05 -12.07 -16.10
C LYS A 27 -11.36 -10.99 -15.23
N LEU A 28 -10.87 -11.36 -14.04
CA LEU A 28 -10.20 -10.39 -13.19
C LEU A 28 -9.00 -9.75 -13.81
N ALA A 29 -8.29 -10.50 -14.59
CA ALA A 29 -7.09 -10.02 -15.16
C ALA A 29 -7.24 -8.80 -16.04
N TYR A 30 -8.43 -8.63 -16.58
CA TYR A 30 -8.71 -7.52 -17.47
C TYR A 30 -8.66 -6.16 -16.78
N PHE A 31 -8.74 -6.14 -15.44
CA PHE A 31 -8.48 -4.94 -14.63
C PHE A 31 -7.01 -4.50 -14.51
N TYR A 32 -6.08 -5.37 -14.89
CA TYR A 32 -4.67 -5.14 -14.73
C TYR A 32 -4.03 -4.62 -15.97
N ALA A 33 -3.04 -3.74 -15.84
CA ALA A 33 -2.18 -3.43 -17.00
C ALA A 33 -1.42 -4.64 -17.51
N SER A 34 -0.96 -4.59 -18.74
CA SER A 34 -0.35 -5.77 -19.33
C SER A 34 0.87 -6.21 -18.54
N THR A 35 1.59 -5.28 -17.91
CA THR A 35 2.82 -5.63 -17.23
C THR A 35 2.67 -5.50 -15.68
N ALA A 36 1.44 -5.59 -15.17
CA ALA A 36 1.18 -5.48 -13.75
C ALA A 36 1.91 -6.55 -12.91
N GLU A 37 2.17 -6.22 -11.64
CA GLU A 37 2.72 -7.18 -10.71
C GLU A 37 1.78 -7.45 -9.62
N LEU A 38 1.67 -8.72 -9.28
CA LEU A 38 0.76 -9.16 -8.26
C LEU A 38 1.54 -9.94 -7.25
N THR A 39 1.31 -9.68 -5.97
CA THR A 39 1.90 -10.49 -4.91
C THR A 39 0.75 -10.88 -4.03
N HIS A 40 0.46 -12.18 -3.95
CA HIS A 40 -0.87 -12.68 -3.50
C HIS A 40 -0.68 -13.95 -2.62
N THR A 41 -1.85 -14.54 -2.34
CA THR A 41 -2.02 -15.58 -1.33
C THR A 41 -1.80 -16.84 -2.10
N ASN A 42 -0.92 -17.69 -1.59
CA ASN A 42 -0.85 -19.03 -2.13
C ASN A 42 -2.17 -19.64 -1.70
N TYR A 43 -2.88 -20.19 -2.70
CA TYR A 43 -3.95 -21.15 -2.47
C TYR A 43 -3.35 -22.54 -2.64
N PRO A 56 2.96 -19.90 0.81
CA PRO A 56 2.67 -18.66 1.57
C PRO A 56 2.22 -17.47 0.63
N THR A 57 3.09 -16.97 -0.23
CA THR A 57 2.66 -16.04 -1.32
C THR A 57 3.21 -16.47 -2.67
N VAL A 58 2.55 -15.92 -3.70
CA VAL A 58 2.90 -16.07 -5.06
C VAL A 58 3.17 -14.66 -5.61
N LYS A 59 4.19 -14.52 -6.44
CA LYS A 59 4.57 -13.31 -7.13
C LYS A 59 4.38 -13.63 -8.61
N VAL A 60 3.56 -12.86 -9.31
CA VAL A 60 3.47 -13.00 -10.75
C VAL A 60 3.46 -11.69 -11.46
N THR A 61 3.97 -11.73 -12.67
CA THR A 61 4.08 -10.54 -13.52
C THR A 61 3.39 -10.78 -14.83
N GLY A 62 2.59 -9.81 -15.27
CA GLY A 62 2.06 -9.73 -16.63
C GLY A 62 0.61 -10.18 -16.64
N ARG A 63 -0.25 -9.63 -17.51
CA ARG A 63 -1.65 -9.96 -17.40
C ARG A 63 -1.92 -11.44 -17.64
N GLU A 64 -1.16 -12.08 -18.52
CA GLU A 64 -1.41 -13.48 -18.88
C GLU A 64 -1.14 -14.38 -17.68
N ASN A 65 -0.04 -14.11 -16.98
CA ASN A 65 0.24 -14.87 -15.76
C ASN A 65 -0.72 -14.59 -14.64
N ILE A 66 -1.18 -13.35 -14.52
CA ILE A 66 -2.19 -13.02 -13.54
C ILE A 66 -3.50 -13.73 -13.79
N ASN A 67 -3.88 -13.81 -15.06
CA ASN A 67 -5.09 -14.53 -15.44
C ASN A 67 -4.94 -16.07 -15.13
N LYS A 68 -3.75 -16.63 -15.30
CA LYS A 68 -3.59 -18.08 -15.02
C LYS A 68 -3.72 -18.30 -13.50
N PHE A 69 -3.23 -17.34 -12.70
CA PHE A 69 -3.37 -17.42 -11.28
C PHE A 69 -4.83 -17.40 -10.86
N PHE A 70 -5.58 -16.41 -11.32
CA PHE A 70 -6.96 -16.32 -10.83
C PHE A 70 -7.84 -17.43 -11.39
N SER A 71 -7.54 -17.89 -12.61
CA SER A 71 -8.37 -18.91 -13.28
C SER A 71 -8.09 -20.28 -12.65
N ARG A 72 -6.82 -20.60 -12.38
CA ARG A 72 -6.47 -21.88 -11.77
C ARG A 72 -7.11 -22.00 -10.36
N ASN A 73 -7.18 -20.87 -9.64
CA ASN A 73 -7.73 -20.77 -8.29
C ASN A 73 -9.18 -20.27 -8.24
N ASP A 74 -9.89 -20.47 -9.37
CA ASP A 74 -11.23 -19.94 -9.60
C ASP A 74 -12.24 -20.31 -8.49
N ALA A 75 -12.35 -21.59 -8.14
CA ALA A 75 -13.32 -22.03 -7.14
C ALA A 75 -13.11 -21.35 -5.76
N LYS A 76 -11.85 -21.32 -5.29
CA LYS A 76 -11.46 -20.64 -4.03
C LYS A 76 -11.72 -19.13 -4.03
N VAL A 77 -11.38 -18.46 -5.12
CA VAL A 77 -11.45 -17.00 -5.17
C VAL A 77 -12.89 -16.51 -5.15
N ARG A 78 -13.73 -17.20 -5.90
CA ARG A 78 -15.11 -16.82 -6.09
C ARG A 78 -15.97 -17.07 -4.81
N SER A 79 -15.58 -18.04 -4.00
CA SER A 79 -16.42 -18.41 -2.82
C SER A 79 -16.04 -17.60 -1.56
N LEU A 80 -15.25 -16.55 -1.78
CA LEU A 80 -14.74 -15.67 -0.74
C LEU A 80 -15.78 -14.61 -0.34
N LYS A 81 -15.81 -14.27 0.94
CA LYS A 81 -16.69 -13.24 1.46
C LYS A 81 -15.77 -12.23 2.13
N LEU A 82 -16.05 -10.96 1.93
CA LEU A 82 -15.10 -9.89 2.22
C LEU A 82 -15.80 -8.63 2.77
N LYS A 83 -15.20 -7.99 3.77
CA LYS A 83 -15.73 -6.72 4.32
C LYS A 83 -14.52 -5.78 4.53
N LEU A 84 -14.60 -4.57 4.03
CA LEU A 84 -13.58 -3.55 4.21
C LEU A 84 -13.85 -2.76 5.47
N ASP A 85 -12.87 -2.69 6.35
CA ASP A 85 -12.85 -1.86 7.55
C ASP A 85 -12.22 -0.48 7.35
N THR A 86 -11.08 -0.39 6.65
CA THR A 86 -10.52 0.90 6.27
C THR A 86 -10.18 0.93 4.75
N ILE A 87 -10.29 2.11 4.17
CA ILE A 87 -9.93 2.39 2.81
C ILE A 87 -9.18 3.75 2.79
N ASP A 88 -7.91 3.78 2.39
CA ASP A 88 -7.15 5.04 2.32
C ASP A 88 -6.63 5.18 0.93
N PHE A 89 -6.54 6.38 0.42
CA PHE A 89 -6.05 6.59 -0.94
C PHE A 89 -5.27 7.91 -1.05
N GLN A 90 -4.32 7.98 -1.97
CA GLN A 90 -3.64 9.24 -2.27
C GLN A 90 -3.33 9.22 -3.74
N TYR A 91 -3.26 10.38 -4.36
CA TYR A 91 -2.60 10.49 -5.66
C TYR A 91 -1.03 10.28 -5.62
N THR A 92 -0.48 9.76 -6.72
CA THR A 92 0.90 9.43 -6.79
C THR A 92 1.32 9.42 -8.19
N GLY A 93 2.61 9.16 -8.38
CA GLY A 93 3.22 8.91 -9.66
C GLY A 93 3.26 10.11 -10.64
N HIS A 94 3.35 9.79 -11.92
CA HIS A 94 3.55 10.80 -12.96
C HIS A 94 2.41 11.86 -12.91
N LEU A 95 2.81 13.11 -12.63
CA LEU A 95 1.89 14.25 -12.56
C LEU A 95 0.80 14.03 -11.53
N HIS A 96 1.03 13.16 -10.53
CA HIS A 96 -0.04 12.90 -9.58
C HIS A 96 -1.30 12.36 -10.19
N LYS A 97 -1.19 11.62 -11.28
CA LYS A 97 -2.39 11.11 -11.94
C LYS A 97 -2.69 9.63 -11.57
N SER A 98 -1.72 8.92 -10.93
CA SER A 98 -2.00 7.58 -10.45
C SER A 98 -2.57 7.60 -9.07
N ILE A 99 -3.12 6.47 -8.64
CA ILE A 99 -3.74 6.40 -7.33
C ILE A 99 -3.20 5.23 -6.56
N LEU A 100 -2.78 5.47 -5.31
CA LEU A 100 -2.42 4.46 -4.35
C LEU A 100 -3.62 4.24 -3.41
N ILE A 101 -4.03 3.00 -3.25
CA ILE A 101 -5.06 2.56 -2.33
C ILE A 101 -4.51 1.58 -1.37
N MET A 102 -4.87 1.69 -0.08
CA MET A 102 -4.58 0.65 0.89
C MET A 102 -5.87 0.35 1.57
N ALA A 103 -6.27 -0.89 1.63
CA ALA A 103 -7.51 -1.26 2.29
C ALA A 103 -7.22 -2.39 3.26
N THR A 104 -7.85 -2.36 4.44
CA THR A 104 -7.80 -3.48 5.34
C THR A 104 -9.20 -4.00 5.54
N GLY A 105 -9.30 -5.21 6.02
CA GLY A 105 -10.59 -5.81 6.32
C GLY A 105 -10.49 -7.27 6.68
N GLU A 106 -11.62 -7.96 6.47
CA GLU A 106 -11.79 -9.35 6.82
C GLU A 106 -12.27 -10.13 5.62
N MET A 107 -11.87 -11.40 5.58
CA MET A 107 -11.97 -12.29 4.44
C MET A 107 -12.24 -13.69 5.02
N PHE A 108 -13.20 -14.40 4.44
CA PHE A 108 -13.49 -15.79 4.84
C PHE A 108 -14.23 -16.60 3.77
N TRP A 109 -14.15 -17.94 3.94
CA TRP A 109 -14.74 -18.91 3.01
C TRP A 109 -15.92 -19.66 3.66
N THR A 110 -17.03 -19.81 2.90
CA THR A 110 -18.31 -20.47 3.34
C THR A 110 -18.22 -21.15 4.73
N GLY A 111 -17.32 -22.12 4.86
CA GLY A 111 -17.18 -22.93 6.06
C GLY A 111 -16.56 -22.32 7.32
N THR A 112 -15.26 -22.02 7.29
CA THR A 112 -14.50 -21.76 8.55
C THR A 112 -13.67 -20.37 8.60
N PRO A 113 -12.36 -20.29 8.96
CA PRO A 113 -11.87 -19.19 9.84
C PRO A 113 -11.92 -17.75 9.24
N VAL A 114 -11.82 -16.74 10.12
CA VAL A 114 -11.92 -15.34 9.68
C VAL A 114 -10.53 -14.72 9.73
N TYR A 115 -10.08 -14.18 8.60
CA TYR A 115 -8.72 -13.65 8.42
C TYR A 115 -8.76 -12.13 8.22
N LYS A 116 -7.93 -11.40 8.94
CA LYS A 116 -7.68 -9.99 8.64
C LYS A 116 -6.69 -9.89 7.46
N PHE A 117 -6.88 -8.93 6.56
CA PHE A 117 -6.00 -8.78 5.40
C PHE A 117 -5.66 -7.32 5.19
N CYS A 118 -4.59 -7.10 4.43
CA CYS A 118 -4.20 -5.76 4.05
C CYS A 118 -3.87 -5.88 2.59
N GLN A 119 -4.48 -5.01 1.77
CA GLN A 119 -4.25 -5.01 0.32
C GLN A 119 -3.95 -3.60 -0.14
N THR A 120 -3.01 -3.48 -1.06
CA THR A 120 -2.63 -2.25 -1.68
C THR A 120 -2.73 -2.40 -3.16
N PHE A 121 -3.22 -1.37 -3.82
CA PHE A 121 -3.26 -1.28 -5.27
C PHE A 121 -2.60 -0.02 -5.69
N ILE A 122 -1.95 -0.04 -6.86
CA ILE A 122 -1.69 1.21 -7.57
C ILE A 122 -2.47 1.14 -8.88
N LEU A 123 -3.18 2.21 -9.21
CA LEU A 123 -3.94 2.37 -10.43
C LEU A 123 -3.34 3.46 -11.27
N LEU A 124 -3.13 3.17 -12.54
CA LEU A 124 -2.55 4.11 -13.48
C LEU A 124 -3.57 4.31 -14.57
N PRO A 125 -3.85 5.51 -15.01
CA PRO A 125 -4.75 5.64 -16.20
C PRO A 125 -4.26 4.85 -17.46
N SER A 126 -5.18 4.18 -18.17
CA SER A 126 -4.88 3.56 -19.47
C SER A 126 -4.44 4.67 -20.46
N SER A 127 -3.91 4.28 -21.62
CA SER A 127 -3.20 5.24 -22.50
C SER A 127 -4.11 6.36 -22.97
N ASN A 128 -5.39 6.05 -23.26
CA ASN A 128 -6.36 7.07 -23.68
C ASN A 128 -7.29 7.51 -22.51
N GLY A 129 -6.95 7.09 -21.30
CA GLY A 129 -7.73 7.49 -20.15
C GLY A 129 -9.14 6.90 -20.03
N SER A 130 -9.45 5.78 -20.69
CA SER A 130 -10.72 5.06 -20.50
C SER A 130 -10.92 4.42 -19.10
N THR A 131 -9.84 3.87 -18.52
CA THR A 131 -9.95 3.16 -17.26
C THR A 131 -8.70 3.48 -16.41
N PHE A 132 -8.81 3.22 -15.13
CA PHE A 132 -7.67 3.08 -14.27
C PHE A 132 -7.32 1.59 -14.23
N ASP A 133 -6.14 1.25 -14.75
CA ASP A 133 -5.60 -0.11 -14.65
C ASP A 133 -4.68 -0.36 -13.43
N ILE A 134 -4.76 -1.56 -12.86
CA ILE A 134 -3.91 -1.96 -11.75
C ILE A 134 -2.55 -2.25 -12.31
N THR A 135 -1.54 -1.53 -11.80
CA THR A 135 -0.13 -1.87 -12.08
C THR A 135 0.53 -2.67 -10.97
N ASN A 136 -0.06 -2.61 -9.79
CA ASN A 136 0.48 -3.23 -8.61
C ASN A 136 -0.61 -3.65 -7.73
N ASP A 137 -0.46 -4.83 -7.14
CA ASP A 137 -1.43 -5.37 -6.25
C ASP A 137 -0.65 -6.22 -5.28
N ILE A 138 -0.82 -5.99 -3.98
CA ILE A 138 -0.15 -6.79 -2.89
C ILE A 138 -1.23 -7.05 -1.89
N ILE A 139 -1.41 -8.31 -1.48
CA ILE A 139 -2.26 -8.62 -0.36
C ILE A 139 -1.55 -9.60 0.58
N ARG A 140 -1.69 -9.37 1.88
CA ARG A 140 -1.23 -10.25 2.92
C ARG A 140 -2.32 -10.43 3.98
N PHE A 141 -2.27 -11.58 4.65
CA PHE A 141 -2.99 -11.78 5.90
C PHE A 141 -2.22 -11.42 7.12
N ILE A 142 -2.91 -10.84 8.05
CA ILE A 142 -2.26 -10.54 9.27
C ILE A 142 -2.82 -11.43 10.38
N GLY B 3 24.71 -1.35 -9.07
CA GLY B 3 24.35 -2.77 -8.84
C GLY B 3 23.60 -3.03 -7.52
N VAL B 4 22.41 -2.46 -7.34
CA VAL B 4 21.63 -2.68 -6.11
C VAL B 4 20.21 -3.31 -6.42
N THR B 5 19.72 -4.14 -5.54
CA THR B 5 18.50 -4.89 -5.73
C THR B 5 17.39 -4.06 -5.04
N VAL B 6 16.14 -4.31 -5.39
CA VAL B 6 15.02 -3.69 -4.70
C VAL B 6 15.02 -4.10 -3.26
N GLN B 7 15.47 -5.31 -2.99
CA GLN B 7 15.56 -5.76 -1.60
C GLN B 7 16.58 -4.97 -0.80
N ASP B 8 17.75 -4.71 -1.39
CA ASP B 8 18.79 -3.95 -0.79
C ASP B 8 18.25 -2.54 -0.45
N ILE B 9 17.62 -1.90 -1.42
CA ILE B 9 17.08 -0.53 -1.22
C ILE B 9 16.02 -0.52 -0.13
N CYS B 10 15.07 -1.44 -0.15
CA CYS B 10 14.00 -1.41 0.83
C CYS B 10 14.48 -1.73 2.24
N PHE B 11 15.36 -2.73 2.35
CA PHE B 11 15.92 -3.00 3.66
C PHE B 11 16.61 -1.86 4.22
N ALA B 12 17.51 -1.24 3.45
CA ALA B 12 18.20 -0.07 3.97
C ALA B 12 17.31 1.11 4.27
N PHE B 13 16.32 1.37 3.42
CA PHE B 13 15.40 2.46 3.67
C PHE B 13 14.61 2.18 4.95
N LEU B 14 13.99 1.01 5.09
CA LEU B 14 13.16 0.81 6.23
C LEU B 14 13.93 0.78 7.51
N GLN B 15 15.11 0.16 7.51
CA GLN B 15 16.02 0.25 8.65
C GLN B 15 16.31 1.65 9.12
N ASN B 16 16.76 2.48 8.21
CA ASN B 16 17.02 3.85 8.52
C ASN B 16 15.76 4.68 8.93
N TYR B 17 14.66 4.45 8.27
CA TYR B 17 13.45 5.18 8.56
C TYR B 17 12.97 4.85 9.95
N TYR B 18 12.80 3.56 10.24
CA TYR B 18 12.27 3.16 11.55
C TYR B 18 13.20 3.51 12.70
N GLU B 19 14.49 3.48 12.47
CA GLU B 19 15.44 3.92 13.46
C GLU B 19 15.31 5.43 13.75
N ARG B 20 15.16 6.20 12.68
CA ARG B 20 14.99 7.62 12.87
C ARG B 20 13.72 7.92 13.63
N MET B 21 12.69 7.12 13.37
CA MET B 21 11.45 7.25 14.08
C MET B 21 11.58 7.04 15.57
N ARG B 22 12.47 6.14 15.96
CA ARG B 22 12.69 5.88 17.35
C ARG B 22 13.54 6.91 18.02
N THR B 23 14.49 7.55 17.34
CA THR B 23 15.45 8.42 18.03
C THR B 23 15.08 9.93 17.84
N ASP B 24 14.57 10.33 16.66
CA ASP B 24 14.26 11.75 16.42
C ASP B 24 13.26 12.02 15.36
N PRO B 25 12.00 12.02 15.74
CA PRO B 25 10.94 12.29 14.81
C PRO B 25 11.02 13.64 14.11
N SER B 26 11.69 14.63 14.72
CA SER B 26 11.85 15.92 14.13
C SER B 26 12.69 15.92 12.90
N LYS B 27 13.40 14.85 12.64
CA LYS B 27 14.17 14.72 11.41
C LYS B 27 13.60 13.74 10.36
N LEU B 28 12.49 13.10 10.70
CA LEU B 28 11.82 12.16 9.77
C LEU B 28 11.40 12.75 8.46
N ALA B 29 10.98 14.01 8.49
CA ALA B 29 10.57 14.67 7.28
C ALA B 29 11.59 14.75 6.18
N TYR B 30 12.85 14.66 6.57
CA TYR B 30 13.97 14.64 5.63
C TYR B 30 13.86 13.50 4.64
N PHE B 31 13.18 12.43 4.99
CA PHE B 31 13.06 11.32 4.08
C PHE B 31 12.00 11.50 3.00
N TYR B 32 11.14 12.52 3.15
CA TYR B 32 10.04 12.75 2.26
C TYR B 32 10.38 13.73 1.14
N ALA B 33 9.75 13.53 0.01
CA ALA B 33 9.75 14.54 -1.04
C ALA B 33 9.09 15.84 -0.59
N SER B 34 9.43 16.91 -1.30
CA SER B 34 8.84 18.24 -0.99
C SER B 34 7.36 18.26 -0.92
N THR B 35 6.75 17.59 -1.89
CA THR B 35 5.31 17.54 -2.05
C THR B 35 4.74 16.19 -1.62
N ALA B 36 5.39 15.47 -0.70
CA ALA B 36 4.88 14.17 -0.30
C ALA B 36 3.55 14.29 0.36
N GLU B 37 2.81 13.18 0.32
CA GLU B 37 1.63 13.07 1.09
C GLU B 37 1.70 11.98 2.14
N LEU B 38 1.12 12.29 3.31
CA LEU B 38 1.13 11.43 4.48
C LEU B 38 -0.30 11.31 4.97
N THR B 39 -0.68 10.07 5.22
CA THR B 39 -1.93 9.72 5.86
C THR B 39 -1.57 8.88 7.03
N HIS B 40 -1.91 9.34 8.21
CA HIS B 40 -1.40 8.73 9.44
C HIS B 40 -2.49 8.71 10.54
N THR B 41 -2.74 7.57 11.15
CA THR B 41 -3.65 7.55 12.30
C THR B 41 -3.10 8.54 13.32
N ASN B 42 -3.96 9.32 13.97
CA ASN B 42 -3.48 10.22 15.01
C ASN B 42 -2.92 9.42 16.21
N TYR B 43 -2.02 10.07 16.93
CA TYR B 43 -1.53 9.53 18.15
C TYR B 43 -2.42 10.04 19.29
N PRO B 56 -9.16 7.41 13.60
CA PRO B 56 -9.09 8.85 13.25
C PRO B 56 -7.68 9.19 12.65
N THR B 57 -7.66 9.56 11.37
CA THR B 57 -6.43 9.82 10.66
C THR B 57 -6.33 11.28 10.33
N VAL B 58 -5.09 11.69 10.19
CA VAL B 58 -4.67 12.95 9.68
C VAL B 58 -4.14 12.77 8.24
N LYS B 59 -4.42 13.73 7.41
CA LYS B 59 -3.91 13.76 6.06
C LYS B 59 -3.11 15.05 5.88
N VAL B 60 -1.83 14.96 5.55
CA VAL B 60 -1.08 16.18 5.28
C VAL B 60 -0.20 16.07 4.09
N THR B 61 0.11 17.23 3.57
CA THR B 61 0.82 17.34 2.36
C THR B 61 1.91 18.29 2.47
N GLY B 62 3.08 17.94 1.88
CA GLY B 62 4.27 18.78 1.89
C GLY B 62 5.23 18.54 3.08
N ARG B 63 6.54 18.54 2.84
CA ARG B 63 7.50 18.18 3.88
C ARG B 63 7.34 19.01 5.12
N GLU B 64 7.02 20.30 4.96
CA GLU B 64 6.90 21.17 6.13
C GLU B 64 5.77 20.76 7.05
N ASN B 65 4.62 20.44 6.47
CA ASN B 65 3.48 19.96 7.28
C ASN B 65 3.73 18.58 7.85
N ILE B 66 4.47 17.80 7.12
CA ILE B 66 4.76 16.46 7.62
C ILE B 66 5.70 16.64 8.84
N ASN B 67 6.69 17.51 8.74
CA ASN B 67 7.56 17.82 9.88
C ASN B 67 6.75 18.31 11.10
N LYS B 68 5.78 19.20 10.88
CA LYS B 68 4.99 19.71 11.97
C LYS B 68 4.25 18.57 12.64
N PHE B 69 3.72 17.62 11.85
CA PHE B 69 3.00 16.49 12.45
C PHE B 69 3.92 15.62 13.28
N PHE B 70 5.07 15.25 12.74
CA PHE B 70 5.94 14.37 13.51
C PHE B 70 6.54 15.18 14.72
N SER B 71 6.85 16.46 14.51
CA SER B 71 7.42 17.25 15.63
C SER B 71 6.42 17.44 16.75
N ARG B 72 5.17 17.77 16.41
CA ARG B 72 4.14 17.96 17.45
C ARG B 72 3.88 16.67 18.21
N ASN B 73 4.04 15.52 17.58
CA ASN B 73 3.78 14.25 18.25
C ASN B 73 5.01 13.49 18.69
N ASP B 74 6.14 14.21 18.82
CA ASP B 74 7.48 13.67 18.93
C ASP B 74 7.56 12.60 20.05
N ALA B 75 7.08 12.99 21.23
CA ALA B 75 7.14 12.12 22.37
C ALA B 75 6.33 10.83 22.14
N LYS B 76 5.15 10.97 21.56
CA LYS B 76 4.35 9.78 21.31
C LYS B 76 4.94 8.90 20.21
N VAL B 77 5.54 9.49 19.18
CA VAL B 77 6.16 8.72 18.09
C VAL B 77 7.27 7.88 18.67
N ARG B 78 8.12 8.48 19.51
CA ARG B 78 9.26 7.78 20.11
C ARG B 78 8.79 6.67 21.04
N SER B 79 7.63 6.81 21.68
CA SER B 79 7.19 5.85 22.70
C SER B 79 6.54 4.59 22.12
N LEU B 80 6.04 4.66 20.89
CA LEU B 80 5.49 3.49 20.22
C LEU B 80 6.53 2.90 19.30
N LYS B 81 7.03 1.75 19.67
CA LYS B 81 7.95 0.93 18.93
C LYS B 81 7.19 0.00 17.94
N LEU B 82 7.66 0.01 16.71
CA LEU B 82 7.11 -0.73 15.59
C LEU B 82 7.89 -2.02 15.42
N LYS B 83 7.21 -3.17 15.41
CA LYS B 83 7.86 -4.40 15.07
C LYS B 83 7.18 -4.96 13.83
N LEU B 84 8.00 -5.19 12.83
CA LEU B 84 7.60 -5.62 11.51
C LEU B 84 7.36 -7.09 11.49
N ASP B 85 6.23 -7.52 10.96
CA ASP B 85 5.92 -8.92 10.76
C ASP B 85 5.98 -9.33 9.27
N THR B 86 5.49 -8.48 8.34
CA THR B 86 5.60 -8.79 6.93
C THR B 86 6.13 -7.60 6.14
N ILE B 87 6.81 -7.89 5.04
CA ILE B 87 7.27 -6.84 4.16
C ILE B 87 7.16 -7.31 2.70
N ASP B 88 6.65 -6.45 1.80
CA ASP B 88 6.58 -6.80 0.42
C ASP B 88 6.91 -5.54 -0.37
N PHE B 89 7.51 -5.72 -1.54
CA PHE B 89 7.75 -4.58 -2.37
C PHE B 89 7.69 -4.96 -3.82
N GLN B 90 7.52 -3.93 -4.66
CA GLN B 90 7.42 -4.04 -6.11
C GLN B 90 7.83 -2.77 -6.73
N TYR B 91 8.48 -2.85 -7.87
CA TYR B 91 8.68 -1.74 -8.71
C TYR B 91 7.32 -1.19 -9.24
N THR B 92 7.27 0.12 -9.46
CA THR B 92 6.09 0.80 -9.93
C THR B 92 6.44 2.11 -10.66
N GLY B 93 5.40 2.78 -11.18
CA GLY B 93 5.53 4.13 -11.63
C GLY B 93 6.35 4.26 -12.90
N HIS B 94 6.92 5.44 -13.07
CA HIS B 94 7.53 5.87 -14.36
C HIS B 94 8.72 5.00 -14.60
N LEU B 95 8.70 4.27 -15.74
CA LEU B 95 9.78 3.37 -16.14
C LEU B 95 10.09 2.27 -15.08
N HIS B 96 9.09 1.96 -14.25
CA HIS B 96 9.25 0.96 -13.21
C HIS B 96 10.45 1.33 -12.32
N LYS B 97 10.72 2.62 -12.09
CA LYS B 97 11.85 3.02 -11.29
C LYS B 97 11.48 3.43 -9.82
N SER B 98 10.20 3.62 -9.55
CA SER B 98 9.73 3.82 -8.19
C SER B 98 9.50 2.51 -7.49
N ILE B 99 9.33 2.59 -6.17
CA ILE B 99 9.13 1.39 -5.37
C ILE B 99 7.96 1.53 -4.44
N LEU B 100 7.13 0.49 -4.47
CA LEU B 100 6.05 0.33 -3.54
C LEU B 100 6.46 -0.65 -2.49
N ILE B 101 6.24 -0.27 -1.25
CA ILE B 101 6.50 -1.13 -0.07
C ILE B 101 5.17 -1.27 0.70
N MET B 102 4.86 -2.46 1.14
CA MET B 102 3.80 -2.67 2.12
C MET B 102 4.40 -3.43 3.26
N ALA B 103 4.22 -2.88 4.48
CA ALA B 103 4.60 -3.49 5.73
C ALA B 103 3.42 -3.60 6.68
N THR B 104 3.45 -4.67 7.46
CA THR B 104 2.47 -4.93 8.48
C THR B 104 3.28 -5.36 9.69
N GLY B 105 2.67 -5.10 10.85
CA GLY B 105 3.21 -5.58 12.10
C GLY B 105 2.44 -5.08 13.30
N GLU B 106 3.19 -4.83 14.39
CA GLU B 106 2.62 -4.50 15.69
C GLU B 106 3.31 -3.33 16.30
N MET B 107 2.57 -2.46 16.93
CA MET B 107 3.09 -1.30 17.63
C MET B 107 3.05 -1.67 19.17
N PHE B 108 4.12 -1.40 19.89
CA PHE B 108 4.31 -1.78 21.29
C PHE B 108 4.59 -0.51 22.10
N TRP B 109 4.04 -0.45 23.30
CA TRP B 109 4.35 0.65 24.23
C TRP B 109 5.07 0.04 25.44
N THR B 110 6.36 0.37 25.59
CA THR B 110 7.22 -0.28 26.60
C THR B 110 6.90 -1.78 26.75
N GLY B 111 6.91 -2.44 25.60
CA GLY B 111 6.90 -3.88 25.53
C GLY B 111 5.51 -4.42 25.55
N THR B 112 4.49 -3.57 25.56
CA THR B 112 3.10 -4.07 25.57
C THR B 112 2.37 -3.82 24.23
N PRO B 113 1.75 -4.84 23.65
CA PRO B 113 1.07 -4.63 22.34
C PRO B 113 -0.11 -3.66 22.40
N VAL B 114 -0.12 -2.65 21.54
CA VAL B 114 -1.13 -1.58 21.57
C VAL B 114 -2.03 -1.77 20.35
N TYR B 115 -1.44 -1.80 19.16
CA TYR B 115 -2.20 -2.15 17.97
C TYR B 115 -1.41 -2.84 16.86
N LYS B 116 -2.10 -3.35 15.87
CA LYS B 116 -1.44 -3.74 14.62
C LYS B 116 -1.21 -2.51 13.78
N PHE B 117 -0.27 -2.56 12.85
CA PHE B 117 -0.16 -1.51 11.84
C PHE B 117 -0.11 -2.08 10.42
N CYS B 118 -0.52 -1.27 9.45
CA CYS B 118 -0.40 -1.55 8.03
C CYS B 118 0.14 -0.25 7.44
N GLN B 119 1.21 -0.35 6.68
CA GLN B 119 1.82 0.86 6.15
C GLN B 119 2.18 0.65 4.73
N THR B 120 2.00 1.64 3.89
CA THR B 120 2.55 1.53 2.56
C THR B 120 3.38 2.76 2.33
N PHE B 121 4.46 2.62 1.57
CA PHE B 121 5.23 3.73 1.06
C PHE B 121 5.35 3.62 -0.42
N ILE B 122 5.48 4.77 -1.08
CA ILE B 122 6.09 4.89 -2.41
C ILE B 122 7.34 5.70 -2.36
N LEU B 123 8.43 5.14 -2.90
CA LEU B 123 9.71 5.79 -3.04
C LEU B 123 9.99 6.11 -4.50
N LEU B 124 10.39 7.34 -4.74
CA LEU B 124 10.65 7.90 -6.06
C LEU B 124 12.16 8.21 -6.13
N PRO B 125 12.91 7.79 -7.14
CA PRO B 125 14.32 8.12 -7.17
C PRO B 125 14.53 9.63 -7.28
N SER B 126 15.66 10.09 -6.74
CA SER B 126 16.03 11.50 -6.76
C SER B 126 16.41 11.91 -8.14
N SER B 127 16.31 13.22 -8.33
CA SER B 127 16.65 13.87 -9.59
C SER B 127 18.19 13.84 -9.91
N ASN B 128 19.05 13.67 -8.87
CA ASN B 128 20.51 13.44 -9.08
C ASN B 128 20.90 11.93 -9.23
N GLY B 129 20.59 11.06 -8.26
CA GLY B 129 21.04 9.68 -8.42
C GLY B 129 20.65 8.64 -7.39
N SER B 130 21.55 8.36 -6.46
CA SER B 130 21.47 7.11 -5.70
C SER B 130 20.29 7.03 -4.69
N THR B 131 19.70 8.19 -4.32
CA THR B 131 18.72 8.21 -3.20
C THR B 131 17.24 8.21 -3.65
N PHE B 132 16.40 7.87 -2.71
CA PHE B 132 14.99 7.77 -2.92
C PHE B 132 14.35 8.73 -1.91
N ASP B 133 13.24 9.31 -2.27
CA ASP B 133 12.37 10.09 -1.40
C ASP B 133 11.03 9.43 -1.29
N ILE B 134 10.39 9.52 -0.13
CA ILE B 134 9.04 9.06 0.04
C ILE B 134 8.07 10.12 -0.57
N THR B 135 7.24 9.72 -1.55
CA THR B 135 6.17 10.58 -2.05
C THR B 135 4.84 10.27 -1.45
N ASN B 136 4.71 9.10 -0.83
CA ASN B 136 3.45 8.65 -0.33
C ASN B 136 3.72 7.79 0.87
N ASP B 137 2.97 8.02 1.92
CA ASP B 137 3.06 7.20 3.13
C ASP B 137 1.62 7.11 3.66
N ILE B 138 1.08 5.91 3.84
CA ILE B 138 -0.18 5.70 4.50
C ILE B 138 0.08 4.71 5.58
N ILE B 139 -0.25 5.06 6.81
CA ILE B 139 -0.15 4.13 7.89
C ILE B 139 -1.42 4.18 8.71
N ARG B 140 -1.96 3.03 9.01
CA ARG B 140 -3.09 2.86 9.87
C ARG B 140 -2.71 2.00 11.08
N PHE B 141 -3.10 2.48 12.27
CA PHE B 141 -3.11 1.66 13.47
C PHE B 141 -4.48 1.01 13.57
N ILE B 142 -4.52 -0.31 13.63
CA ILE B 142 -5.77 -1.00 13.76
C ILE B 142 -5.78 -1.85 15.02
N SER B 143 -6.99 -1.96 15.55
CA SER B 143 -7.22 -2.64 16.80
C SER B 143 -6.77 -4.08 16.72
N ASN B 144 -6.19 -4.54 17.82
CA ASN B 144 -5.87 -5.95 17.99
C ASN B 144 -7.15 -6.84 17.97
#